data_6RPP
#
_entry.id   6RPP
#
_cell.length_a   75.481
_cell.length_b   93.588
_cell.length_c   49.746
_cell.angle_alpha   90.000
_cell.angle_beta   90.000
_cell.angle_gamma   90.000
#
_symmetry.space_group_name_H-M   'C 2 2 21'
#
loop_
_entity.id
_entity.type
_entity.pdbx_description
1 polymer 'Cell division control protein'
2 non-polymer 'ACETATE ION'
3 non-polymer DI(HYDROXYETHYL)ETHER
4 water water
#
_entity_poly.entity_id   1
_entity_poly.type   'polypeptide(L)'
_entity_poly.pdbx_seq_one_letter_code
;SAKAVDYETEVVLGNGERKKIGEIVERAIEEAEKNGKLGRVDDGFYAPIDIEVYSLDLETLKVRKARANIAWKRTAPKKM
MLVKTRGGKRIRVTPTHPFFVLEEGKVAMRKARDLEEGNKIATIEGLSVSWDEVAEILEYEPKDPWVYDLQVPGYHNFLA
NGIFVHAA
;
_entity_poly.pdbx_strand_id   A
#
# COMPACT_ATOMS: atom_id res chain seq x y z
N SER A 1 -1.79 5.73 14.99
CA SER A 1 -1.14 6.32 13.82
C SER A 1 -1.53 5.57 12.55
N ALA A 2 -1.48 6.27 11.43
CA ALA A 2 -2.02 5.74 10.18
C ALA A 2 -1.01 4.84 9.50
N LYS A 3 -1.48 3.68 9.06
CA LYS A 3 -0.73 2.77 8.18
C LYS A 3 -1.23 3.05 6.76
N ALA A 4 -0.44 3.77 5.95
CA ALA A 4 -0.98 4.30 4.69
C ALA A 4 0.16 4.72 3.77
N VAL A 5 -0.21 5.12 2.53
CA VAL A 5 0.77 5.41 1.50
C VAL A 5 0.45 6.76 0.82
N ASP A 6 1.44 7.30 0.10
CA ASP A 6 1.31 8.55 -0.67
C ASP A 6 0.31 8.44 -1.84
N TYR A 7 -0.41 9.55 -2.05
CA TYR A 7 -1.35 9.75 -3.17
C TYR A 7 -0.90 9.09 -4.46
N GLU A 8 0.38 9.25 -4.80
CA GLU A 8 0.85 8.91 -6.16
C GLU A 8 1.21 7.43 -6.29
N THR A 9 1.16 6.65 -5.21
CA THR A 9 1.36 5.21 -5.29
C THR A 9 0.35 4.66 -6.30
N GLU A 10 0.83 3.97 -7.36
CA GLU A 10 -0.07 3.56 -8.44
C GLU A 10 -0.51 2.10 -8.27
N VAL A 11 -1.81 1.90 -8.05
CA VAL A 11 -2.40 0.58 -7.85
C VAL A 11 -2.62 -0.09 -9.19
N VAL A 12 -2.15 -1.33 -9.33
CA VAL A 12 -2.44 -2.12 -10.52
C VAL A 12 -3.86 -2.69 -10.45
N LEU A 13 -4.71 -2.25 -11.37
CA LEU A 13 -6.07 -2.76 -11.43
C LEU A 13 -6.12 -4.03 -12.26
N GLY A 14 -6.98 -4.97 -11.85
CA GLY A 14 -7.11 -6.21 -12.59
C GLY A 14 -7.78 -6.06 -13.92
N ASN A 15 -8.41 -4.90 -14.17
CA ASN A 15 -9.22 -4.77 -15.36
C ASN A 15 -9.13 -3.41 -15.98
N GLY A 16 -8.01 -2.71 -15.77
CA GLY A 16 -7.75 -1.49 -16.52
C GLY A 16 -6.34 -1.03 -16.24
N GLU A 17 -6.00 0.11 -16.82
CA GLU A 17 -4.70 0.72 -16.55
C GLU A 17 -4.58 1.09 -15.08
N ARG A 18 -3.31 1.14 -14.60
CA ARG A 18 -2.99 1.41 -13.20
C ARG A 18 -3.29 2.86 -12.87
N LYS A 19 -3.58 3.10 -11.59
CA LYS A 19 -4.22 4.36 -11.15
C LYS A 19 -3.66 4.77 -9.79
N LYS A 20 -3.49 6.09 -9.63
CA LYS A 20 -2.99 6.60 -8.36
C LYS A 20 -3.98 6.31 -7.27
N ILE A 21 -3.50 5.82 -6.13
CA ILE A 21 -4.41 5.49 -5.05
C ILE A 21 -5.18 6.73 -4.59
N GLY A 22 -4.54 7.87 -4.58
CA GLY A 22 -5.24 9.08 -4.15
C GLY A 22 -6.44 9.37 -5.02
N GLU A 23 -6.31 9.13 -6.31
CA GLU A 23 -7.45 9.33 -7.21
C GLU A 23 -8.58 8.36 -6.89
N ILE A 24 -8.27 7.07 -6.78
CA ILE A 24 -9.26 6.05 -6.40
C ILE A 24 -9.97 6.44 -5.11
N VAL A 25 -9.19 6.81 -4.07
CA VAL A 25 -9.83 7.07 -2.80
C VAL A 25 -10.66 8.36 -2.83
N GLU A 26 -10.10 9.46 -3.35
CA GLU A 26 -10.83 10.72 -3.29
C GLU A 26 -12.13 10.65 -4.08
N ARG A 27 -12.15 9.92 -5.20
CA ARG A 27 -13.42 9.79 -5.94
CA ARG A 27 -13.42 9.81 -5.93
C ARG A 27 -14.45 9.06 -5.10
N ALA A 28 -14.01 8.03 -4.37
CA ALA A 28 -14.94 7.26 -3.56
C ALA A 28 -15.45 8.09 -2.39
N ILE A 29 -14.56 8.90 -1.81
CA ILE A 29 -14.94 9.80 -0.73
C ILE A 29 -15.94 10.84 -1.22
N GLU A 30 -15.69 11.42 -2.38
CA GLU A 30 -16.62 12.45 -2.89
C GLU A 30 -18.01 11.87 -3.11
N GLU A 31 -18.11 10.65 -3.64
CA GLU A 31 -19.41 10.07 -3.90
C GLU A 31 -20.12 9.74 -2.58
N ALA A 32 -19.37 9.20 -1.61
CA ALA A 32 -19.97 8.80 -0.33
C ALA A 32 -20.38 10.02 0.49
N GLU A 33 -19.69 11.17 0.32
CA GLU A 33 -20.12 12.41 0.96
C GLU A 33 -21.58 12.72 0.63
N LYS A 34 -21.98 12.46 -0.61
CA LYS A 34 -23.30 12.86 -1.08
C LYS A 34 -24.36 11.79 -0.93
N ASN A 35 -23.98 10.51 -0.75
CA ASN A 35 -25.02 9.51 -0.67
C ASN A 35 -25.21 8.98 0.74
N GLY A 36 -24.50 9.55 1.72
CA GLY A 36 -24.66 9.20 3.11
C GLY A 36 -23.85 8.03 3.58
N LYS A 37 -22.94 7.51 2.74
CA LYS A 37 -22.16 6.33 3.08
C LYS A 37 -20.78 6.67 3.59
N LEU A 38 -20.49 7.95 3.79
CA LEU A 38 -19.16 8.34 4.23
C LEU A 38 -18.98 7.95 5.68
N GLY A 39 -17.86 7.30 5.99
CA GLY A 39 -17.53 6.98 7.36
C GLY A 39 -16.48 7.93 7.87
N ARG A 40 -16.49 8.19 9.16
CA ARG A 40 -15.51 9.10 9.73
C ARG A 40 -14.81 8.42 10.90
N VAL A 41 -13.49 8.59 10.96
CA VAL A 41 -12.67 8.24 12.11
C VAL A 41 -12.01 9.51 12.61
N ASP A 42 -11.42 9.41 13.80
CA ASP A 42 -10.83 10.59 14.44
C ASP A 42 -9.85 11.32 13.54
N ASP A 43 -9.16 10.61 12.66
CA ASP A 43 -8.13 11.23 11.83
C ASP A 43 -8.39 11.00 10.35
N GLY A 44 -9.65 10.85 9.94
CA GLY A 44 -9.86 10.63 8.51
C GLY A 44 -11.23 10.03 8.22
N PHE A 45 -11.28 9.32 7.09
CA PHE A 45 -12.52 8.95 6.43
C PHE A 45 -12.39 7.59 5.75
N TYR A 46 -13.53 6.90 5.63
CA TYR A 46 -13.59 5.72 4.78
C TYR A 46 -14.85 5.79 3.92
N ALA A 47 -14.81 5.06 2.81
CA ALA A 47 -15.93 5.04 1.90
C ALA A 47 -15.93 3.70 1.17
N PRO A 48 -17.07 3.22 0.76
CA PRO A 48 -17.12 1.97 0.00
C PRO A 48 -16.52 2.13 -1.38
N ILE A 49 -15.88 1.06 -1.86
CA ILE A 49 -15.44 0.95 -3.25
C ILE A 49 -15.67 -0.49 -3.69
N ASP A 50 -15.54 -0.71 -5.02
CA ASP A 50 -15.60 -2.03 -5.61
C ASP A 50 -14.63 -2.09 -6.79
N ILE A 51 -13.38 -2.45 -6.54
CA ILE A 51 -12.39 -2.48 -7.60
C ILE A 51 -11.62 -3.79 -7.51
N GLU A 52 -10.95 -4.13 -8.59
CA GLU A 52 -10.20 -5.38 -8.69
C GLU A 52 -8.72 -5.01 -8.62
N VAL A 53 -8.01 -5.61 -7.67
CA VAL A 53 -6.57 -5.35 -7.50
C VAL A 53 -5.90 -6.69 -7.70
N TYR A 54 -4.58 -6.71 -7.62
CA TYR A 54 -3.81 -7.95 -7.58
C TYR A 54 -3.24 -8.10 -6.18
N SER A 55 -3.37 -9.32 -5.64
CA SER A 55 -2.88 -9.63 -4.30
C SER A 55 -1.97 -10.84 -4.29
N LEU A 56 -0.96 -10.80 -3.44
CA LEU A 56 -0.12 -11.96 -3.18
C LEU A 56 -0.73 -12.88 -2.13
N ASP A 57 -0.71 -14.20 -2.43
CA ASP A 57 -0.96 -15.25 -1.46
C ASP A 57 0.38 -15.54 -0.79
N LEU A 58 0.54 -15.16 0.47
CA LEU A 58 1.87 -15.30 1.04
C LEU A 58 2.27 -16.75 1.29
N GLU A 59 1.31 -17.66 1.44
CA GLU A 59 1.69 -19.05 1.67
C GLU A 59 2.18 -19.72 0.40
N THR A 60 1.56 -19.43 -0.74
CA THR A 60 1.87 -20.12 -1.99
C THR A 60 2.64 -19.27 -2.97
N LEU A 61 2.71 -17.96 -2.72
CA LEU A 61 3.35 -16.95 -3.56
C LEU A 61 2.65 -16.78 -4.91
N LYS A 62 1.42 -17.24 -5.05
CA LYS A 62 0.63 -16.99 -6.24
C LYS A 62 0.10 -15.58 -6.21
N VAL A 63 0.01 -14.94 -7.38
CA VAL A 63 -0.64 -13.63 -7.52
C VAL A 63 -2.03 -13.85 -8.06
N ARG A 64 -3.03 -13.29 -7.40
CA ARG A 64 -4.43 -13.50 -7.72
C ARG A 64 -5.15 -12.17 -7.81
N LYS A 65 -6.17 -12.11 -8.66
CA LYS A 65 -7.04 -10.93 -8.63
C LYS A 65 -7.92 -11.00 -7.39
N ALA A 66 -8.16 -9.86 -6.78
CA ALA A 66 -8.93 -9.83 -5.56
C ALA A 66 -9.68 -8.51 -5.53
N ARG A 67 -10.74 -8.46 -4.74
CA ARG A 67 -11.55 -7.23 -4.66
C ARG A 67 -11.15 -6.38 -3.45
N ALA A 68 -11.06 -5.07 -3.64
CA ALA A 68 -10.91 -4.13 -2.54
C ALA A 68 -12.24 -3.46 -2.29
N ASN A 69 -12.66 -3.32 -1.02
CA ASN A 69 -14.02 -2.86 -0.76
C ASN A 69 -14.13 -1.63 0.16
N ILE A 70 -13.04 -1.14 0.72
CA ILE A 70 -13.07 0.13 1.47
C ILE A 70 -11.87 0.98 1.08
N ALA A 71 -12.13 2.27 0.88
CA ALA A 71 -11.13 3.30 0.59
C ALA A 71 -10.94 4.16 1.84
N TRP A 72 -9.68 4.40 2.21
CA TRP A 72 -9.30 5.11 3.40
C TRP A 72 -8.52 6.37 3.07
N LYS A 73 -8.90 7.49 3.69
CA LYS A 73 -8.16 8.75 3.58
C LYS A 73 -7.84 9.21 4.98
N ARG A 74 -6.57 9.41 5.29
CA ARG A 74 -6.18 9.71 6.66
C ARG A 74 -5.24 10.91 6.67
N THR A 75 -5.24 11.63 7.79
CA THR A 75 -4.28 12.71 7.96
C THR A 75 -2.85 12.17 7.88
N ALA A 76 -2.03 12.84 7.11
CA ALA A 76 -0.63 12.43 7.04
C ALA A 76 0.06 12.62 8.39
N PRO A 77 0.95 11.72 8.78
CA PRO A 77 1.80 11.97 9.95
C PRO A 77 2.83 13.11 9.71
N LYS A 78 3.54 13.49 10.78
CA LYS A 78 4.46 14.59 10.66
C LYS A 78 5.66 14.22 9.81
N LYS A 79 6.00 12.92 9.72
CA LYS A 79 7.11 12.41 8.94
C LYS A 79 6.62 11.25 8.09
N MET A 80 7.24 11.08 6.91
CA MET A 80 6.98 9.95 6.02
C MET A 80 8.30 9.29 5.65
N MET A 81 8.22 8.08 5.02
CA MET A 81 9.42 7.34 4.64
C MET A 81 9.38 7.00 3.17
N LEU A 82 10.49 7.20 2.49
CA LEU A 82 10.65 6.71 1.12
C LEU A 82 11.44 5.42 1.23
N VAL A 83 10.90 4.35 0.68
CA VAL A 83 11.52 3.03 0.74
C VAL A 83 11.94 2.67 -0.66
N LYS A 84 13.22 2.35 -0.84
CA LYS A 84 13.75 2.00 -2.15
C LYS A 84 14.37 0.61 -2.10
N THR A 85 14.14 -0.21 -3.12
CA THR A 85 14.69 -1.58 -3.13
C THR A 85 15.81 -1.71 -4.16
N ARG A 86 16.61 -2.78 -4.01
CA ARG A 86 17.70 -3.02 -4.96
C ARG A 86 17.17 -3.34 -6.35
N GLY A 87 16.01 -3.97 -6.42
CA GLY A 87 15.37 -4.32 -7.67
C GLY A 87 14.62 -3.19 -8.32
N GLY A 88 14.73 -2.00 -7.76
CA GLY A 88 14.31 -0.80 -8.42
C GLY A 88 12.99 -0.21 -7.99
N LYS A 89 12.35 -0.74 -6.94
CA LYS A 89 11.01 -0.31 -6.57
C LYS A 89 11.11 0.83 -5.58
N ARG A 90 10.15 1.78 -5.63
CA ARG A 90 10.19 2.95 -4.75
C ARG A 90 8.77 3.19 -4.25
N ILE A 91 8.58 3.48 -2.95
CA ILE A 91 7.24 3.80 -2.48
C ILE A 91 7.39 4.75 -1.28
N ARG A 92 6.42 5.64 -1.09
CA ARG A 92 6.41 6.58 0.02
C ARG A 92 5.28 6.21 0.94
N VAL A 93 5.61 5.91 2.23
CA VAL A 93 4.66 5.34 3.17
C VAL A 93 4.78 6.01 4.52
N THR A 94 3.74 5.81 5.36
CA THR A 94 3.85 6.28 6.72
C THR A 94 4.88 5.44 7.50
N PRO A 95 5.44 5.99 8.57
CA PRO A 95 6.50 5.25 9.27
C PRO A 95 6.04 3.93 9.87
N THR A 96 4.76 3.81 10.25
CA THR A 96 4.29 2.53 10.80
C THR A 96 3.69 1.60 9.77
N HIS A 97 3.70 1.97 8.49
CA HIS A 97 3.17 1.09 7.46
C HIS A 97 3.97 -0.20 7.42
N PRO A 98 3.34 -1.37 7.49
CA PRO A 98 4.10 -2.62 7.54
C PRO A 98 4.35 -3.18 6.15
N PHE A 99 5.49 -3.89 6.04
CA PHE A 99 5.91 -4.62 4.87
C PHE A 99 6.04 -6.08 5.24
N PHE A 100 5.72 -6.96 4.28
CA PHE A 100 6.07 -8.37 4.37
C PHE A 100 7.58 -8.53 4.20
N VAL A 101 8.24 -9.16 5.19
CA VAL A 101 9.69 -9.38 5.11
C VAL A 101 9.96 -10.85 5.24
N LEU A 102 10.74 -11.40 4.32
CA LEU A 102 11.13 -12.79 4.39
C LEU A 102 12.45 -12.87 5.12
N GLU A 103 12.47 -13.49 6.29
CA GLU A 103 13.70 -13.58 7.05
C GLU A 103 13.82 -15.00 7.55
N GLU A 104 14.90 -15.67 7.15
CA GLU A 104 15.22 -17.04 7.54
C GLU A 104 14.01 -17.96 7.36
N GLY A 105 13.51 -17.96 6.13
CA GLY A 105 12.48 -18.90 5.72
C GLY A 105 11.07 -18.54 6.12
N LYS A 106 10.86 -17.51 6.94
CA LYS A 106 9.51 -17.14 7.36
C LYS A 106 9.20 -15.71 6.95
N VAL A 107 7.92 -15.44 6.70
CA VAL A 107 7.48 -14.10 6.37
C VAL A 107 6.87 -13.50 7.63
N ALA A 108 7.38 -12.33 8.00
CA ALA A 108 6.78 -11.58 9.09
C ALA A 108 6.57 -10.16 8.60
N MET A 109 5.88 -9.37 9.40
CA MET A 109 5.60 -8.03 8.98
C MET A 109 6.45 -7.06 9.82
N ARG A 110 6.97 -6.03 9.14
CA ARG A 110 7.91 -5.09 9.72
C ARG A 110 7.49 -3.68 9.30
N LYS A 111 7.41 -2.78 10.29
CA LYS A 111 7.08 -1.39 10.01
C LYS A 111 8.17 -0.74 9.18
N ALA A 112 7.75 0.22 8.33
CA ALA A 112 8.70 0.91 7.46
C ALA A 112 9.89 1.46 8.26
N ARG A 113 9.60 2.09 9.42
CA ARG A 113 10.64 2.70 10.24
C ARG A 113 11.53 1.68 10.93
N ASP A 114 11.16 0.40 10.90
CA ASP A 114 11.98 -0.68 11.48
C ASP A 114 12.75 -1.46 10.41
N LEU A 115 12.52 -1.15 9.12
CA LEU A 115 13.25 -1.83 8.04
C LEU A 115 14.72 -1.47 8.04
N GLU A 116 15.52 -2.45 7.71
CA GLU A 116 16.95 -2.25 7.58
CA GLU A 116 16.95 -2.28 7.58
C GLU A 116 17.35 -2.58 6.15
N GLU A 117 18.43 -1.94 5.69
CA GLU A 117 18.96 -2.32 4.39
C GLU A 117 19.29 -3.81 4.37
N GLY A 118 18.86 -4.46 3.28
CA GLY A 118 19.02 -5.90 3.10
C GLY A 118 17.78 -6.71 3.43
N ASN A 119 16.84 -6.14 4.20
CA ASN A 119 15.59 -6.84 4.47
C ASN A 119 14.89 -7.08 3.13
N LYS A 120 14.48 -8.32 2.89
CA LYS A 120 13.81 -8.64 1.62
C LYS A 120 12.28 -8.45 1.72
N ILE A 121 11.71 -7.66 0.79
CA ILE A 121 10.27 -7.39 0.80
C ILE A 121 9.69 -7.95 -0.49
N ALA A 122 8.37 -8.10 -0.50
CA ALA A 122 7.71 -8.79 -1.59
C ALA A 122 7.39 -7.85 -2.75
N THR A 123 7.84 -8.20 -3.95
CA THR A 123 7.74 -7.31 -5.10
C THR A 123 7.38 -8.15 -6.32
N ILE A 124 7.15 -7.48 -7.44
CA ILE A 124 7.10 -8.14 -8.75
C ILE A 124 8.31 -7.71 -9.57
N GLU A 125 8.87 -8.65 -10.31
CA GLU A 125 9.94 -8.34 -11.27
CA GLU A 125 9.93 -8.34 -11.26
C GLU A 125 9.46 -8.87 -12.62
N GLY A 126 9.14 -7.98 -13.54
CA GLY A 126 8.44 -8.37 -14.75
C GLY A 126 7.07 -8.93 -14.39
N LEU A 127 6.90 -10.26 -14.47
CA LEU A 127 5.68 -10.92 -14.03
C LEU A 127 5.93 -11.94 -12.91
N SER A 128 7.12 -11.94 -12.30
CA SER A 128 7.52 -12.92 -11.30
C SER A 128 7.54 -12.30 -9.92
N VAL A 129 7.00 -13.03 -8.93
CA VAL A 129 7.15 -12.58 -7.56
C VAL A 129 8.62 -12.69 -7.17
N SER A 130 9.12 -11.65 -6.50
CA SER A 130 10.52 -11.57 -6.11
C SER A 130 10.68 -11.02 -4.71
N TRP A 131 11.52 -11.65 -3.93
CA TRP A 131 11.91 -11.10 -2.63
C TRP A 131 13.12 -10.19 -2.84
N ASP A 132 12.96 -8.90 -2.52
CA ASP A 132 13.84 -7.86 -3.02
C ASP A 132 14.42 -7.06 -1.85
N GLU A 133 15.74 -7.06 -1.70
CA GLU A 133 16.39 -6.35 -0.59
C GLU A 133 16.06 -4.86 -0.59
N VAL A 134 15.68 -4.36 0.59
CA VAL A 134 15.66 -2.91 0.74
C VAL A 134 17.07 -2.35 0.55
N ALA A 135 17.17 -1.24 -0.21
CA ALA A 135 18.40 -0.52 -0.52
C ALA A 135 18.63 0.64 0.44
N GLU A 136 17.60 1.44 0.70
CA GLU A 136 17.68 2.62 1.54
C GLU A 136 16.28 2.95 2.00
N ILE A 137 16.20 3.53 3.19
CA ILE A 137 14.98 4.11 3.71
C ILE A 137 15.30 5.54 4.07
N LEU A 138 14.50 6.50 3.58
CA LEU A 138 14.80 7.92 3.79
C LEU A 138 13.57 8.64 4.31
N GLU A 139 13.71 9.28 5.48
CA GLU A 139 12.63 10.07 6.04
C GLU A 139 12.48 11.40 5.31
N TYR A 140 11.24 11.87 5.10
CA TYR A 140 11.04 13.21 4.60
C TYR A 140 9.79 13.79 5.27
N GLU A 141 9.64 15.08 5.18
CA GLU A 141 8.45 15.75 5.71
C GLU A 141 7.49 15.98 4.55
N PRO A 142 6.25 15.52 4.66
CA PRO A 142 5.37 15.56 3.48
C PRO A 142 4.86 16.94 3.12
N LYS A 143 4.72 17.14 1.80
CA LYS A 143 4.02 18.31 1.29
C LYS A 143 2.54 18.06 1.22
N ASP A 144 2.13 16.82 0.98
CA ASP A 144 0.72 16.46 0.84
C ASP A 144 0.20 16.02 2.21
N PRO A 145 -0.82 16.63 2.74
CA PRO A 145 -1.22 16.35 4.14
C PRO A 145 -2.20 15.19 4.28
N TRP A 146 -2.32 14.35 3.24
CA TRP A 146 -3.19 13.20 3.31
C TRP A 146 -2.44 11.95 2.89
N VAL A 147 -2.82 10.82 3.46
CA VAL A 147 -2.32 9.51 3.02
C VAL A 147 -3.50 8.55 2.82
N TYR A 148 -3.20 7.39 2.17
CA TYR A 148 -4.31 6.61 1.59
C TYR A 148 -4.11 5.12 1.80
N ASP A 149 -5.20 4.38 1.82
CA ASP A 149 -5.08 2.93 1.93
C ASP A 149 -6.34 2.32 1.34
N LEU A 150 -6.29 1.01 1.12
CA LEU A 150 -7.44 0.24 0.65
C LEU A 150 -7.60 -0.97 1.55
N GLN A 151 -8.81 -1.47 1.68
CA GLN A 151 -9.03 -2.74 2.35
C GLN A 151 -9.21 -3.86 1.35
N VAL A 152 -8.47 -4.96 1.52
CA VAL A 152 -8.56 -6.10 0.63
C VAL A 152 -8.88 -7.34 1.44
N PRO A 153 -10.13 -7.77 1.50
CA PRO A 153 -10.48 -8.90 2.35
C PRO A 153 -9.71 -10.13 1.99
N GLY A 154 -9.29 -10.85 3.03
CA GLY A 154 -8.57 -12.10 2.93
C GLY A 154 -7.08 -11.78 2.89
N TYR A 155 -6.70 -11.08 1.83
CA TYR A 155 -5.29 -10.97 1.45
C TYR A 155 -4.55 -9.88 2.21
N HIS A 156 -5.22 -8.79 2.53
CA HIS A 156 -4.55 -7.66 3.18
C HIS A 156 -3.34 -7.14 2.42
N ASN A 157 -3.37 -7.18 1.09
CA ASN A 157 -2.35 -6.51 0.33
C ASN A 157 -2.86 -6.29 -1.08
N PHE A 158 -2.20 -5.34 -1.76
CA PHE A 158 -2.46 -5.04 -3.18
C PHE A 158 -1.15 -4.64 -3.82
N LEU A 159 -1.03 -4.96 -5.11
CA LEU A 159 0.16 -4.57 -5.90
C LEU A 159 0.14 -3.11 -6.26
N ALA A 160 1.20 -2.37 -5.90
CA ALA A 160 1.32 -0.98 -6.28
C ALA A 160 2.79 -0.62 -6.28
N ASN A 161 3.20 0.14 -7.31
CA ASN A 161 4.60 0.56 -7.45
C ASN A 161 5.54 -0.66 -7.50
N GLY A 162 5.01 -1.78 -8.00
CA GLY A 162 5.76 -3.02 -8.08
C GLY A 162 6.00 -3.74 -6.76
N ILE A 163 5.33 -3.31 -5.68
CA ILE A 163 5.46 -3.88 -4.35
C ILE A 163 4.11 -4.44 -3.90
N PHE A 164 4.09 -5.58 -3.18
CA PHE A 164 2.83 -6.04 -2.60
C PHE A 164 2.68 -5.33 -1.29
N VAL A 165 1.89 -4.25 -1.34
CA VAL A 165 1.73 -3.28 -0.27
C VAL A 165 0.71 -3.82 0.72
N HIS A 166 1.05 -3.80 2.02
CA HIS A 166 0.10 -4.28 3.02
C HIS A 166 -1.08 -3.32 3.11
N ALA A 167 -2.27 -3.89 3.37
CA ALA A 167 -3.52 -3.17 3.34
C ALA A 167 -4.37 -3.49 4.56
N ALA A 168 -5.36 -2.63 4.75
CA ALA A 168 -6.49 -2.96 5.60
C ALA A 168 -7.23 -4.27 5.23
#